data_6BO3
#
_entry.id   6BO3
#
_cell.length_a   56.995
_cell.length_b   56.995
_cell.length_c   272.807
_cell.angle_alpha   90.00
_cell.angle_beta   90.00
_cell.angle_gamma   120.00
#
_symmetry.space_group_name_H-M   'P 31 2 1'
#
loop_
_entity.id
_entity.type
_entity.pdbx_description
1 polymer 'Uncharacterized protein'
2 water water
#
_entity_poly.entity_id   1
_entity_poly.type   'polypeptide(L)'
_entity_poly.pdbx_seq_one_letter_code
;MGEVFKEVKEKFERYKFDVVYVDREYPVSSNNLNVFFEIGERNSFSGLLINEGQAVIDVLLLKKSHEGLSPIPGEGTGIQ
LSAGQILKFYNVPIAEIIVEYDPSNVSGVSSNVKLKGTIHPLFEVPSQISIENFQPTENYLIYSGFGTSLPQTYTIPANG
YLIISITNTSTGNIGQITLTIGSTTMTFNLQTGENKIPVIAGTQITNMTLTSSSAILIYEEVIHHHHHH
;
_entity_poly.pdbx_strand_id   A,B
#
# COMPACT_ATOMS: atom_id res chain seq x y z
N PHE A 17 18.10 -3.24 33.23
CA PHE A 17 18.41 -2.47 31.99
C PHE A 17 17.81 -1.06 32.06
N ASP A 18 18.18 -0.21 31.10
CA ASP A 18 17.68 1.17 31.05
C ASP A 18 16.94 1.38 29.72
N VAL A 19 15.87 2.18 29.73
CA VAL A 19 15.14 2.51 28.51
C VAL A 19 14.96 4.02 28.34
N VAL A 20 15.13 4.48 27.10
CA VAL A 20 14.83 5.86 26.68
C VAL A 20 13.70 5.87 25.67
N TYR A 21 12.71 6.72 25.94
CA TYR A 21 11.54 6.87 25.12
C TYR A 21 11.71 7.98 24.09
N VAL A 22 11.36 7.63 22.86
CA VAL A 22 11.56 8.48 21.71
C VAL A 22 10.18 8.74 21.10
N ASP A 23 9.84 10.01 21.03
CA ASP A 23 8.61 10.44 20.35
C ASP A 23 8.94 11.80 19.74
N ARG A 24 9.23 11.77 18.45
CA ARG A 24 9.67 12.94 17.72
C ARG A 24 9.01 13.05 16.37
N GLU A 25 8.70 14.28 15.97
CA GLU A 25 8.34 14.55 14.60
C GLU A 25 9.04 15.79 14.06
N TYR A 26 9.55 15.70 12.84
N TYR A 26 9.49 15.70 12.82
CA TYR A 26 10.19 16.83 12.18
CA TYR A 26 10.15 16.81 12.16
C TYR A 26 9.70 16.94 10.74
C TYR A 26 9.71 16.94 10.71
N PRO A 27 9.47 18.19 10.29
CA PRO A 27 9.14 18.45 8.90
C PRO A 27 10.38 18.15 8.04
N VAL A 28 10.15 17.61 6.85
CA VAL A 28 11.21 17.33 5.88
C VAL A 28 10.67 17.78 4.51
N SER A 29 11.40 18.72 3.92
CA SER A 29 11.04 19.36 2.65
C SER A 29 12.30 20.01 2.08
N SER A 30 12.13 20.85 1.06
CA SER A 30 13.23 21.66 0.53
C SER A 30 13.81 22.62 1.57
N ASN A 31 12.96 23.05 2.50
CA ASN A 31 13.33 23.95 3.60
C ASN A 31 13.92 23.25 4.82
N ASN A 32 13.79 21.93 4.89
CA ASN A 32 14.33 21.11 5.98
C ASN A 32 14.86 19.82 5.40
N LEU A 33 16.13 19.83 5.06
CA LEU A 33 16.71 18.79 4.23
C LEU A 33 17.16 17.59 5.02
N ASN A 34 17.54 17.79 6.28
CA ASN A 34 18.22 16.74 7.03
C ASN A 34 17.73 16.68 8.48
N VAL A 35 17.59 15.47 9.01
CA VAL A 35 17.41 15.29 10.44
C VAL A 35 18.42 14.25 10.88
N PHE A 36 19.19 14.60 11.92
CA PHE A 36 20.18 13.69 12.48
C PHE A 36 19.68 13.26 13.86
N PHE A 37 19.36 11.98 14.03
CA PHE A 37 18.97 11.50 15.33
C PHE A 37 20.02 10.62 16.01
N GLU A 38 20.53 11.08 17.15
CA GLU A 38 21.51 10.29 17.90
C GLU A 38 20.83 9.25 18.78
N ILE A 39 21.12 7.98 18.50
CA ILE A 39 20.67 6.85 19.32
C ILE A 39 21.71 6.53 20.41
N GLY A 40 23.00 6.66 20.06
CA GLY A 40 24.10 6.47 21.01
C GLY A 40 24.80 5.13 20.81
N GLU A 41 25.98 4.99 21.40
CA GLU A 41 26.91 3.91 21.04
C GLU A 41 26.46 2.48 21.37
N ARG A 42 26.02 2.20 22.60
CA ARG A 42 25.89 0.79 23.02
C ARG A 42 24.43 0.37 23.08
N ASN A 43 23.66 0.82 22.09
CA ASN A 43 22.21 0.84 22.17
C ASN A 43 21.55 0.13 21.02
N SER A 44 20.29 -0.21 21.25
CA SER A 44 19.45 -0.81 20.24
C SER A 44 18.14 -0.02 20.16
N PHE A 45 17.51 0.03 19.00
CA PHE A 45 16.24 0.77 18.82
C PHE A 45 15.16 -0.17 18.32
N SER A 46 13.97 -0.07 18.90
CA SER A 46 12.79 -0.82 18.48
C SER A 46 11.68 0.22 18.38
N GLY A 47 10.96 0.24 17.26
CA GLY A 47 9.92 1.26 17.03
C GLY A 47 9.71 1.52 15.56
N LEU A 48 9.44 2.78 15.21
CA LEU A 48 8.94 3.13 13.90
C LEU A 48 9.48 4.48 13.47
N LEU A 49 9.79 4.60 12.20
CA LEU A 49 10.05 5.85 11.52
C LEU A 49 9.02 5.94 10.42
N ILE A 50 8.19 6.96 10.48
CA ILE A 50 7.00 7.11 9.66
C ILE A 50 7.16 8.31 8.74
N ASN A 51 7.05 8.05 7.44
CA ASN A 51 7.15 9.10 6.44
C ASN A 51 5.75 9.61 6.12
N GLU A 52 5.20 10.43 7.02
CA GLU A 52 3.81 10.89 6.93
C GLU A 52 3.69 12.11 6.02
N GLY A 53 3.54 11.83 4.73
CA GLY A 53 3.41 12.86 3.73
C GLY A 53 3.97 12.41 2.42
N GLN A 54 4.24 13.40 1.56
CA GLN A 54 4.47 13.18 0.14
C GLN A 54 5.93 13.22 -0.31
N ALA A 55 6.85 13.52 0.60
CA ALA A 55 8.26 13.60 0.24
C ALA A 55 8.86 12.22 0.35
N VAL A 56 9.54 11.80 -0.71
CA VAL A 56 10.42 10.64 -0.62
C VAL A 56 11.59 11.02 0.27
N ILE A 57 11.98 10.12 1.16
CA ILE A 57 13.06 10.37 2.09
C ILE A 57 14.08 9.25 2.05
N ASP A 58 15.32 9.63 2.33
CA ASP A 58 16.44 8.70 2.44
C ASP A 58 16.87 8.55 3.88
N VAL A 59 16.94 7.30 4.34
CA VAL A 59 17.19 7.00 5.74
C VAL A 59 18.52 6.26 5.84
N LEU A 60 19.53 6.88 6.47
CA LEU A 60 20.80 6.21 6.74
C LEU A 60 20.87 5.71 8.20
N LEU A 61 21.06 4.41 8.33
CA LEU A 61 21.21 3.78 9.64
C LEU A 61 22.70 3.50 9.83
N LEU A 62 23.29 4.13 10.83
CA LEU A 62 24.75 4.11 11.02
C LEU A 62 25.09 3.41 12.30
N LYS A 63 25.93 2.39 12.22
CA LYS A 63 26.38 1.68 13.43
C LYS A 63 27.28 2.53 14.34
N LYS A 64 27.98 3.52 13.78
CA LYS A 64 28.79 4.46 14.57
C LYS A 64 28.44 5.89 14.18
N SER A 65 28.58 6.83 15.11
CA SER A 65 28.26 8.25 14.84
C SER A 65 29.48 8.99 14.29
N THR A 77 24.88 2.37 3.02
CA THR A 77 23.63 2.16 2.25
C THR A 77 22.38 2.82 2.89
N GLY A 78 21.79 3.74 2.14
CA GLY A 78 20.58 4.45 2.56
C GLY A 78 19.35 3.65 2.16
N ILE A 79 18.30 3.83 2.94
CA ILE A 79 16.98 3.27 2.68
C ILE A 79 16.07 4.39 2.17
N GLN A 80 15.59 4.26 0.94
CA GLN A 80 14.69 5.26 0.38
C GLN A 80 13.26 4.86 0.74
N LEU A 81 12.58 5.75 1.45
CA LEU A 81 11.18 5.52 1.78
C LEU A 81 10.31 6.39 0.91
N SER A 82 9.32 5.78 0.26
CA SER A 82 8.43 6.54 -0.60
C SER A 82 7.36 7.18 0.27
N ALA A 83 6.54 8.05 -0.31
CA ALA A 83 5.42 8.68 0.40
C ALA A 83 4.57 7.68 1.21
N GLY A 84 4.37 7.97 2.49
CA GLY A 84 3.50 7.19 3.38
C GLY A 84 4.11 5.90 3.93
N GLN A 85 5.34 5.59 3.58
CA GLN A 85 5.93 4.33 4.03
C GLN A 85 6.39 4.42 5.47
N ILE A 86 6.45 3.25 6.10
CA ILE A 86 6.86 3.11 7.49
C ILE A 86 8.03 2.13 7.57
N LEU A 87 9.06 2.56 8.30
CA LEU A 87 10.22 1.72 8.56
C LEU A 87 10.15 1.22 10.02
N LYS A 88 9.98 -0.08 10.14
CA LYS A 88 9.82 -0.74 11.43
C LYS A 88 11.18 -1.32 11.85
N PHE A 89 11.49 -1.12 13.12
CA PHE A 89 12.72 -1.58 13.74
C PHE A 89 12.38 -2.55 14.86
N TYR A 90 13.11 -3.65 14.90
CA TYR A 90 13.12 -4.47 16.11
C TYR A 90 14.55 -4.79 16.54
N ASN A 91 14.93 -4.28 17.70
CA ASN A 91 16.21 -4.56 18.36
C ASN A 91 17.37 -4.26 17.41
N VAL A 92 17.35 -3.08 16.77
CA VAL A 92 18.34 -2.77 15.73
C VAL A 92 19.48 -1.96 16.38
N PRO A 93 20.72 -2.47 16.33
CA PRO A 93 21.84 -1.73 16.91
C PRO A 93 22.20 -0.60 15.97
N ILE A 94 21.89 0.62 16.39
CA ILE A 94 22.07 1.80 15.58
C ILE A 94 22.64 2.82 16.53
N ALA A 95 23.63 3.60 16.08
CA ALA A 95 24.10 4.75 16.83
C ALA A 95 23.48 6.07 16.36
N GLU A 96 23.09 6.14 15.09
CA GLU A 96 22.50 7.37 14.51
C GLU A 96 21.57 6.99 13.36
N ILE A 97 20.43 7.69 13.28
CA ILE A 97 19.52 7.63 12.14
C ILE A 97 19.59 9.00 11.45
N ILE A 98 19.92 8.99 10.17
CA ILE A 98 19.95 10.22 9.37
C ILE A 98 18.77 10.15 8.39
N VAL A 99 17.95 11.19 8.40
CA VAL A 99 16.87 11.33 7.43
C VAL A 99 17.17 12.51 6.51
N GLU A 100 17.08 12.27 5.19
CA GLU A 100 17.32 13.31 4.18
C GLU A 100 16.18 13.39 3.16
N TYR A 101 15.77 14.62 2.83
CA TYR A 101 14.91 14.90 1.67
C TYR A 101 15.60 14.37 0.42
N ASP A 102 14.97 13.45 -0.29
CA ASP A 102 15.60 12.96 -1.51
C ASP A 102 15.62 14.05 -2.60
N PRO A 103 16.79 14.25 -3.25
CA PRO A 103 16.92 15.30 -4.27
C PRO A 103 16.00 15.12 -5.50
N SER A 104 15.53 13.90 -5.76
CA SER A 104 14.66 13.63 -6.90
C SER A 104 13.22 14.06 -6.68
N ASN A 105 12.88 14.55 -5.49
CA ASN A 105 11.50 14.97 -5.22
C ASN A 105 10.99 16.05 -6.15
N VAL A 106 9.70 15.97 -6.46
CA VAL A 106 8.99 17.05 -7.14
C VAL A 106 9.04 18.21 -6.16
N SER A 107 9.28 19.42 -6.64
CA SER A 107 9.44 20.54 -5.70
C SER A 107 8.13 20.81 -4.97
N GLY A 108 8.25 21.23 -3.71
CA GLY A 108 7.07 21.61 -2.91
C GLY A 108 6.42 20.49 -2.10
N VAL A 109 6.81 19.24 -2.33
CA VAL A 109 6.34 18.14 -1.48
C VAL A 109 7.02 18.21 -0.12
N SER A 110 6.32 17.77 0.91
CA SER A 110 6.90 17.69 2.25
C SER A 110 6.32 16.50 2.99
N SER A 111 7.03 16.09 4.03
CA SER A 111 6.50 15.09 4.95
C SER A 111 6.71 15.50 6.40
N ASN A 112 5.85 14.96 7.25
CA ASN A 112 6.07 14.98 8.67
C ASN A 112 6.68 13.63 9.01
N VAL A 113 7.96 13.64 9.37
CA VAL A 113 8.68 12.42 9.65
C VAL A 113 8.65 12.13 11.15
N LYS A 114 8.06 10.99 11.53
CA LYS A 114 7.88 10.64 12.93
C LYS A 114 8.74 9.44 13.33
N LEU A 115 9.48 9.64 14.42
CA LEU A 115 10.30 8.61 15.06
C LEU A 115 9.73 8.33 16.46
N LYS A 116 9.30 7.08 16.64
CA LYS A 116 8.66 6.65 17.86
C LYS A 116 9.19 5.27 18.23
N GLY A 117 9.61 5.11 19.48
CA GLY A 117 10.04 3.80 19.95
C GLY A 117 10.81 3.88 21.24
N THR A 118 11.65 2.87 21.44
CA THR A 118 12.40 2.71 22.68
C THR A 118 13.86 2.49 22.32
N ILE A 119 14.75 3.12 23.07
CA ILE A 119 16.18 2.79 23.02
C ILE A 119 16.49 1.93 24.22
N HIS A 120 17.14 0.80 23.99
CA HIS A 120 17.46 -0.13 25.06
C HIS A 120 18.75 -0.87 24.75
N PRO A 121 19.23 -1.71 25.66
CA PRO A 121 20.45 -2.42 25.25
C PRO A 121 20.16 -3.42 24.13
N LEU A 122 21.18 -3.83 23.39
CA LEU A 122 21.03 -4.90 22.41
C LEU A 122 20.63 -6.21 23.08
N PHE A 123 19.43 -6.69 22.79
CA PHE A 123 18.97 -7.94 23.34
C PHE A 123 19.49 -9.14 22.57
N GLU A 124 19.63 -10.29 23.24
CA GLU A 124 20.07 -11.51 22.54
C GLU A 124 18.91 -12.15 21.77
N VAL A 125 18.35 -11.36 20.86
CA VAL A 125 17.33 -11.83 19.92
C VAL A 125 17.65 -11.22 18.56
N PRO A 126 17.08 -11.74 17.46
CA PRO A 126 17.29 -11.19 16.12
C PRO A 126 17.11 -9.67 16.01
N SER A 127 17.90 -9.03 15.17
CA SER A 127 17.70 -7.61 14.85
C SER A 127 17.04 -7.56 13.48
N GLN A 128 16.01 -6.76 13.31
CA GLN A 128 15.27 -6.79 12.07
C GLN A 128 14.72 -5.43 11.72
N ILE A 129 14.56 -5.20 10.42
CA ILE A 129 13.77 -4.07 9.91
C ILE A 129 12.72 -4.61 8.93
N SER A 130 11.66 -3.84 8.73
CA SER A 130 10.70 -4.16 7.68
C SER A 130 10.14 -2.84 7.22
N ILE A 131 9.50 -2.86 6.07
CA ILE A 131 8.91 -1.64 5.53
C ILE A 131 7.51 -1.98 5.09
N GLU A 132 6.55 -1.14 5.45
CA GLU A 132 5.23 -1.27 4.87
C GLU A 132 4.61 0.08 4.48
N ASN A 133 3.63 0.01 3.59
CA ASN A 133 2.83 1.18 3.23
C ASN A 133 1.77 1.37 4.28
N PHE A 134 1.60 2.61 4.72
CA PHE A 134 0.54 2.89 5.67
C PHE A 134 -0.61 3.51 4.94
N GLN A 135 -1.82 3.01 5.20
CA GLN A 135 -3.00 3.73 4.77
C GLN A 135 -3.86 3.96 6.01
N PRO A 136 -3.80 5.18 6.56
CA PRO A 136 -4.65 5.48 7.72
C PRO A 136 -6.14 5.31 7.38
N THR A 137 -6.89 4.80 8.35
CA THR A 137 -8.34 4.62 8.25
C THR A 137 -9.03 5.55 9.24
N GLU A 138 -10.18 6.07 8.85
CA GLU A 138 -10.99 6.94 9.72
C GLU A 138 -12.44 6.46 9.73
N ASN A 139 -13.07 6.52 10.91
CA ASN A 139 -14.45 6.08 11.08
C ASN A 139 -15.43 7.25 11.16
N TYR A 140 -16.48 7.17 10.34
N TYR A 140 -16.45 7.22 10.31
CA TYR A 140 -17.53 8.18 10.22
CA TYR A 140 -17.47 8.24 10.34
C TYR A 140 -18.81 7.64 10.87
C TYR A 140 -18.77 7.65 10.88
N LEU A 141 -19.18 8.18 12.03
CA LEU A 141 -20.41 7.77 12.70
C LEU A 141 -21.67 8.07 11.89
N ILE A 142 -22.54 7.07 11.85
CA ILE A 142 -23.83 7.19 11.19
C ILE A 142 -24.95 7.11 12.21
N TYR A 143 -24.92 6.10 13.07
CA TYR A 143 -25.96 5.97 14.07
C TYR A 143 -25.50 5.27 15.34
N SER A 144 -25.96 5.78 16.49
CA SER A 144 -25.86 5.17 17.80
C SER A 144 -27.26 5.07 18.42
N GLY A 145 -27.56 3.92 19.03
CA GLY A 145 -28.81 3.76 19.72
C GLY A 145 -28.89 2.40 20.34
N PHE A 146 -30.06 2.12 20.89
CA PHE A 146 -30.35 0.86 21.55
C PHE A 146 -31.84 0.64 21.29
N GLY A 147 -32.12 -0.30 20.40
CA GLY A 147 -33.48 -0.69 20.12
C GLY A 147 -33.52 -1.79 19.07
N THR A 148 -34.55 -1.75 18.22
CA THR A 148 -34.86 -2.81 17.26
C THR A 148 -35.02 -2.30 15.80
N SER A 149 -34.89 -1.00 15.58
CA SER A 149 -34.96 -0.40 14.24
C SER A 149 -34.30 0.99 14.22
N LEU A 150 -34.22 1.59 13.03
CA LEU A 150 -33.62 2.90 12.89
C LEU A 150 -34.70 3.96 12.82
N PRO A 151 -34.42 5.19 13.29
CA PRO A 151 -35.46 6.25 13.26
C PRO A 151 -35.64 7.00 11.94
N GLN A 152 -34.69 6.90 11.02
CA GLN A 152 -34.81 7.54 9.71
C GLN A 152 -33.89 6.81 8.77
N THR A 153 -33.80 7.29 7.53
CA THR A 153 -32.88 6.73 6.55
C THR A 153 -31.58 7.53 6.63
N TYR A 154 -30.48 6.89 6.22
CA TYR A 154 -29.16 7.54 6.24
C TYR A 154 -28.48 7.32 4.90
N THR A 155 -27.65 8.29 4.52
CA THR A 155 -26.84 8.24 3.32
C THR A 155 -25.39 7.93 3.68
N ILE A 156 -24.80 6.95 2.99
CA ILE A 156 -23.38 6.64 3.20
C ILE A 156 -22.52 7.65 2.40
N PRO A 157 -21.56 8.33 3.08
CA PRO A 157 -20.88 9.48 2.45
C PRO A 157 -19.78 9.17 1.44
N ALA A 158 -19.26 7.94 1.44
CA ALA A 158 -18.07 7.63 0.68
C ALA A 158 -18.02 6.17 0.32
N ASN A 159 -17.11 5.85 -0.60
CA ASN A 159 -16.73 4.47 -0.84
C ASN A 159 -16.05 3.97 0.41
N GLY A 160 -16.39 2.76 0.83
CA GLY A 160 -15.75 2.14 1.98
C GLY A 160 -16.54 0.96 2.51
N TYR A 161 -16.48 0.78 3.82
CA TYR A 161 -17.03 -0.40 4.45
C TYR A 161 -17.97 0.04 5.53
N LEU A 162 -19.21 -0.36 5.42
CA LEU A 162 -20.18 -0.04 6.44
C LEU A 162 -20.06 -1.07 7.54
N ILE A 163 -19.99 -0.59 8.78
CA ILE A 163 -19.90 -1.43 9.97
C ILE A 163 -21.19 -1.27 10.77
N ILE A 164 -21.93 -2.37 10.91
CA ILE A 164 -23.10 -2.43 11.80
C ILE A 164 -22.76 -3.35 12.97
N SER A 165 -22.54 -2.79 14.16
CA SER A 165 -22.25 -3.58 15.38
C SER A 165 -23.55 -3.74 16.16
N ILE A 166 -23.96 -4.98 16.39
CA ILE A 166 -25.18 -5.28 17.11
C ILE A 166 -24.78 -6.08 18.35
N THR A 167 -25.02 -5.53 19.54
CA THR A 167 -24.71 -6.27 20.77
C THR A 167 -25.99 -6.93 21.36
N ASN A 168 -25.94 -8.23 21.55
CA ASN A 168 -27.11 -8.89 22.13
C ASN A 168 -26.67 -10.10 22.93
N THR A 169 -27.54 -10.55 23.83
CA THR A 169 -27.26 -11.69 24.70
C THR A 169 -27.07 -12.95 23.89
N SER A 170 -27.94 -13.16 22.91
CA SER A 170 -27.86 -14.33 22.05
C SER A 170 -26.79 -14.13 20.96
N THR A 171 -26.37 -15.23 20.35
CA THR A 171 -25.39 -15.22 19.26
C THR A 171 -26.04 -15.73 17.98
N GLY A 172 -25.53 -15.30 16.82
CA GLY A 172 -26.00 -15.77 15.53
C GLY A 172 -26.90 -14.73 14.91
N ASN A 173 -28.01 -15.18 14.33
CA ASN A 173 -28.94 -14.27 13.64
C ASN A 173 -29.62 -13.24 14.60
N ILE A 174 -29.67 -11.97 14.22
CA ILE A 174 -30.27 -10.94 15.08
C ILE A 174 -31.23 -9.96 14.37
N GLY A 175 -31.18 -9.93 13.05
CA GLY A 175 -32.16 -9.20 12.27
C GLY A 175 -31.79 -9.00 10.83
N GLN A 176 -32.30 -7.91 10.27
CA GLN A 176 -32.19 -7.64 8.85
C GLN A 176 -31.96 -6.16 8.63
N ILE A 177 -31.08 -5.84 7.68
CA ILE A 177 -30.88 -4.47 7.17
C ILE A 177 -31.15 -4.43 5.65
N THR A 178 -31.71 -3.30 5.18
CA THR A 178 -31.94 -3.04 3.76
C THR A 178 -31.15 -1.80 3.33
N LEU A 179 -30.30 -1.96 2.31
CA LEU A 179 -29.59 -0.87 1.61
C LEU A 179 -30.11 -0.70 0.17
N THR A 180 -30.17 0.54 -0.29
CA THR A 180 -30.56 0.78 -1.69
C THR A 180 -29.46 1.60 -2.32
N ILE A 181 -29.11 1.30 -3.57
CA ILE A 181 -28.12 2.08 -4.32
C ILE A 181 -28.55 2.10 -5.78
N GLY A 182 -29.00 3.27 -6.23
CA GLY A 182 -29.57 3.41 -7.55
C GLY A 182 -30.82 2.56 -7.69
N SER A 183 -30.85 1.76 -8.75
CA SER A 183 -31.99 0.87 -9.01
C SER A 183 -31.73 -0.52 -8.42
N THR A 184 -30.89 -0.59 -7.39
CA THR A 184 -30.52 -1.84 -6.70
C THR A 184 -30.90 -1.78 -5.23
N THR A 185 -31.60 -2.82 -4.77
CA THR A 185 -31.92 -2.99 -3.37
C THR A 185 -31.20 -4.24 -2.86
N MET A 186 -30.66 -4.16 -1.63
CA MET A 186 -29.93 -5.28 -1.03
C MET A 186 -30.35 -5.51 0.40
N THR A 187 -30.66 -6.75 0.72
CA THR A 187 -31.08 -7.07 2.05
C THR A 187 -30.10 -8.07 2.66
N PHE A 188 -29.78 -7.86 3.93
CA PHE A 188 -28.69 -8.56 4.61
C PHE A 188 -29.18 -9.26 5.88
N ASN A 189 -28.57 -10.41 6.16
CA ASN A 189 -28.90 -11.24 7.30
C ASN A 189 -27.95 -10.81 8.40
N LEU A 190 -28.39 -9.92 9.28
CA LEU A 190 -27.52 -9.33 10.31
C LEU A 190 -27.23 -10.31 11.44
N GLN A 191 -25.98 -10.35 11.87
CA GLN A 191 -25.54 -11.22 12.97
C GLN A 191 -25.23 -10.35 14.18
N THR A 192 -25.34 -10.95 15.38
CA THR A 192 -24.79 -10.32 16.57
C THR A 192 -23.27 -10.15 16.36
N GLY A 193 -22.73 -9.03 16.80
CA GLY A 193 -21.33 -8.71 16.60
C GLY A 193 -21.18 -7.68 15.49
N GLU A 194 -20.03 -7.72 14.82
CA GLU A 194 -19.69 -6.75 13.79
C GLU A 194 -20.08 -7.28 12.41
N ASN A 195 -20.90 -6.53 11.68
CA ASN A 195 -21.24 -6.88 10.31
C ASN A 195 -20.57 -5.88 9.40
N LYS A 196 -19.80 -6.38 8.44
CA LYS A 196 -18.97 -5.51 7.59
C LYS A 196 -19.36 -5.66 6.13
N ILE A 197 -19.85 -4.58 5.55
CA ILE A 197 -20.40 -4.63 4.19
C ILE A 197 -19.71 -3.59 3.31
N PRO A 198 -19.09 -4.02 2.18
CA PRO A 198 -18.57 -2.99 1.27
C PRO A 198 -19.71 -2.18 0.63
N VAL A 199 -19.54 -0.87 0.58
CA VAL A 199 -20.59 0.07 0.17
C VAL A 199 -20.06 1.17 -0.73
N ILE A 200 -20.88 1.61 -1.67
CA ILE A 200 -20.46 2.69 -2.53
C ILE A 200 -21.11 3.99 -2.04
N ALA A 201 -20.40 5.08 -2.23
CA ALA A 201 -20.86 6.40 -1.84
C ALA A 201 -22.26 6.68 -2.39
N GLY A 202 -23.12 7.23 -1.53
CA GLY A 202 -24.49 7.59 -1.90
C GLY A 202 -25.51 6.50 -1.59
N THR A 203 -25.03 5.35 -1.11
CA THR A 203 -25.87 4.24 -0.71
C THR A 203 -26.74 4.67 0.48
N GLN A 204 -28.01 4.28 0.42
CA GLN A 204 -28.97 4.57 1.48
C GLN A 204 -29.16 3.38 2.42
N ILE A 205 -29.21 3.67 3.71
CA ILE A 205 -29.63 2.69 4.69
C ILE A 205 -31.13 2.93 4.84
N THR A 206 -31.93 2.03 4.27
CA THR A 206 -33.35 2.29 4.17
C THR A 206 -34.10 1.79 5.36
N ASN A 207 -33.68 0.65 5.92
CA ASN A 207 -34.24 0.18 7.17
C ASN A 207 -33.45 -0.95 7.83
N MET A 208 -33.76 -1.17 9.10
CA MET A 208 -33.17 -2.23 9.89
C MET A 208 -34.22 -2.73 10.87
N THR A 209 -34.29 -4.04 11.06
CA THR A 209 -35.24 -4.61 11.99
C THR A 209 -34.51 -5.70 12.74
N LEU A 210 -34.49 -5.59 14.07
CA LEU A 210 -33.88 -6.61 14.93
C LEU A 210 -34.94 -7.38 15.71
N THR A 211 -34.63 -8.62 16.03
CA THR A 211 -35.56 -9.52 16.71
C THR A 211 -35.59 -9.35 18.24
N SER A 212 -34.60 -8.65 18.80
CA SER A 212 -34.71 -8.10 20.17
C SER A 212 -33.81 -6.87 20.37
N SER A 213 -34.21 -6.05 21.33
CA SER A 213 -33.51 -4.81 21.59
C SER A 213 -32.01 -5.03 21.89
N SER A 214 -31.19 -4.26 21.18
CA SER A 214 -29.73 -4.46 21.11
C SER A 214 -28.99 -3.13 21.08
N ALA A 215 -27.77 -3.08 21.61
CA ALA A 215 -26.88 -1.93 21.37
C ALA A 215 -26.45 -1.91 19.90
N ILE A 216 -26.74 -0.78 19.24
CA ILE A 216 -26.51 -0.55 17.81
C ILE A 216 -25.48 0.55 17.63
N LEU A 217 -24.47 0.24 16.83
CA LEU A 217 -23.48 1.23 16.44
C LEU A 217 -23.15 0.99 14.99
N ILE A 218 -23.45 2.01 14.19
CA ILE A 218 -23.28 1.99 12.74
C ILE A 218 -22.33 3.13 12.34
N TYR A 219 -21.31 2.79 11.57
CA TYR A 219 -20.36 3.75 11.07
C TYR A 219 -19.71 3.22 9.81
N GLU A 220 -18.98 4.08 9.09
CA GLU A 220 -18.28 3.63 7.90
C GLU A 220 -16.77 3.74 8.07
N GLU A 221 -16.06 2.67 7.74
CA GLU A 221 -14.60 2.71 7.61
C GLU A 221 -14.26 3.33 6.26
N VAL A 222 -13.51 4.42 6.28
CA VAL A 222 -13.12 5.16 5.07
C VAL A 222 -11.60 5.35 5.05
N ILE A 223 -11.05 5.36 3.84
CA ILE A 223 -9.63 5.54 3.63
C ILE A 223 -9.35 6.88 2.96
N VAL B 19 31.35 -7.17 -15.24
CA VAL B 19 29.93 -7.34 -14.82
C VAL B 19 29.50 -8.80 -14.99
N VAL B 20 28.71 -9.26 -14.03
CA VAL B 20 28.12 -10.59 -14.01
C VAL B 20 26.61 -10.37 -13.95
N TYR B 21 25.88 -11.14 -14.75
CA TYR B 21 24.41 -11.10 -14.75
C TYR B 21 23.78 -12.18 -13.90
N VAL B 22 22.84 -11.77 -13.04
CA VAL B 22 22.18 -12.69 -12.12
C VAL B 22 20.71 -12.80 -12.49
N ASP B 23 20.25 -14.02 -12.70
CA ASP B 23 18.84 -14.30 -12.93
C ASP B 23 18.55 -15.67 -12.33
N ARG B 24 18.16 -15.65 -11.07
CA ARG B 24 17.98 -16.87 -10.30
C ARG B 24 16.65 -16.88 -9.58
N GLU B 25 16.14 -18.07 -9.31
CA GLU B 25 15.04 -18.22 -8.42
C GLU B 25 15.27 -19.45 -7.54
N TYR B 26 14.82 -19.33 -6.30
CA TYR B 26 14.98 -20.37 -5.30
C TYR B 26 13.66 -20.56 -4.55
N PRO B 27 13.23 -21.83 -4.36
CA PRO B 27 12.13 -22.08 -3.43
C PRO B 27 12.53 -21.84 -1.96
N VAL B 28 11.63 -21.27 -1.19
CA VAL B 28 11.82 -21.05 0.22
C VAL B 28 10.54 -21.47 0.92
N SER B 29 10.69 -22.39 1.86
CA SER B 29 9.58 -23.03 2.55
C SER B 29 10.21 -23.74 3.74
N SER B 30 9.39 -24.48 4.47
CA SER B 30 9.83 -25.42 5.50
C SER B 30 10.82 -26.45 4.95
N ASN B 31 10.71 -26.78 3.67
CA ASN B 31 11.66 -27.71 3.02
C ASN B 31 12.98 -27.08 2.59
N ASN B 32 12.95 -25.77 2.37
CA ASN B 32 14.14 -25.03 1.93
C ASN B 32 14.20 -23.75 2.75
N LEU B 33 14.89 -23.84 3.87
CA LEU B 33 14.90 -22.81 4.90
C LEU B 33 15.87 -21.70 4.55
N ASN B 34 17.00 -22.06 3.96
CA ASN B 34 18.13 -21.12 3.79
C ASN B 34 18.68 -21.11 2.36
N VAL B 35 18.87 -19.91 1.81
CA VAL B 35 19.57 -19.68 0.54
C VAL B 35 20.80 -18.80 0.86
N PHE B 36 21.98 -19.27 0.48
CA PHE B 36 23.22 -18.50 0.62
C PHE B 36 23.73 -18.12 -0.77
N PHE B 37 23.68 -16.83 -1.13
CA PHE B 37 24.13 -16.39 -2.45
C PHE B 37 25.41 -15.54 -2.40
N GLU B 38 26.47 -16.03 -3.02
CA GLU B 38 27.75 -15.29 -3.01
C GLU B 38 27.77 -14.20 -4.09
N ILE B 39 28.03 -12.96 -3.67
CA ILE B 39 28.26 -11.81 -4.58
C ILE B 39 29.78 -11.66 -4.82
N GLY B 40 30.57 -11.80 -3.75
CA GLY B 40 32.03 -11.70 -3.82
C GLY B 40 32.52 -10.43 -3.14
N GLU B 41 33.81 -10.41 -2.81
CA GLU B 41 34.38 -9.39 -1.92
C GLU B 41 34.46 -7.94 -2.42
N ARG B 42 34.77 -7.71 -3.69
CA ARG B 42 35.05 -6.33 -4.13
C ARG B 42 33.90 -5.70 -4.91
N ASN B 43 32.68 -6.15 -4.59
CA ASN B 43 31.56 -6.10 -5.52
C ASN B 43 30.35 -5.37 -5.00
N SER B 44 29.49 -4.98 -5.93
CA SER B 44 28.28 -4.22 -5.65
C SER B 44 27.15 -4.90 -6.40
N PHE B 45 25.92 -4.87 -5.89
CA PHE B 45 24.76 -5.43 -6.58
C PHE B 45 23.68 -4.38 -6.86
N SER B 46 23.14 -4.42 -8.07
CA SER B 46 22.04 -3.56 -8.47
C SER B 46 21.01 -4.47 -9.10
N GLY B 47 19.77 -4.33 -8.65
CA GLY B 47 18.69 -5.19 -9.14
C GLY B 47 17.60 -5.38 -8.08
N LEU B 48 17.08 -6.61 -8.00
CA LEU B 48 15.83 -6.91 -7.30
C LEU B 48 15.92 -8.28 -6.67
N LEU B 49 15.40 -8.36 -5.45
CA LEU B 49 15.00 -9.61 -4.81
C LEU B 49 13.47 -9.61 -4.56
N ILE B 50 12.77 -10.55 -5.18
CA ILE B 50 11.30 -10.60 -5.19
C ILE B 50 10.80 -11.78 -4.37
N ASN B 51 10.04 -11.50 -3.33
CA ASN B 51 9.40 -12.56 -2.56
C ASN B 51 8.05 -12.99 -3.17
N GLU B 52 8.12 -13.69 -4.31
CA GLU B 52 6.94 -14.18 -5.04
C GLU B 52 6.24 -15.39 -4.38
N GLY B 53 5.33 -15.10 -3.46
CA GLY B 53 4.53 -16.14 -2.80
C GLY B 53 4.05 -15.69 -1.44
N GLN B 54 3.90 -16.64 -0.53
CA GLN B 54 3.25 -16.40 0.76
C GLN B 54 4.14 -16.57 1.99
N ALA B 55 5.38 -17.03 1.80
CA ALA B 55 6.32 -17.12 2.91
C ALA B 55 6.90 -15.75 3.22
N VAL B 56 6.86 -15.40 4.49
CA VAL B 56 7.61 -14.27 5.00
C VAL B 56 9.06 -14.72 5.03
N ILE B 57 9.94 -13.87 4.52
CA ILE B 57 11.35 -14.22 4.43
C ILE B 57 12.21 -13.15 5.09
N ASP B 58 13.34 -13.58 5.63
CA ASP B 58 14.33 -12.68 6.20
C ASP B 58 15.54 -12.63 5.30
N VAL B 59 16.00 -11.42 5.00
CA VAL B 59 17.10 -11.22 4.05
C VAL B 59 18.26 -10.59 4.78
N LEU B 60 19.36 -11.31 4.89
CA LEU B 60 20.55 -10.77 5.49
C LEU B 60 21.56 -10.37 4.40
N LEU B 61 21.89 -9.09 4.38
CA LEU B 61 22.95 -8.56 3.53
C LEU B 61 24.27 -8.46 4.29
N LEU B 62 25.26 -9.26 3.89
CA LEU B 62 26.54 -9.28 4.59
C LEU B 62 27.60 -8.55 3.78
N LYS B 63 28.37 -7.68 4.45
CA LYS B 63 29.51 -7.05 3.79
C LYS B 63 30.73 -7.99 3.63
N LYS B 64 30.88 -9.01 4.48
CA LYS B 64 32.07 -9.91 4.43
C LYS B 64 31.80 -11.40 4.17
N GLY B 76 24.25 -9.35 11.94
CA GLY B 76 23.77 -7.98 11.95
C GLY B 76 22.24 -7.94 11.76
N THR B 77 21.75 -7.14 10.82
CA THR B 77 20.31 -6.84 10.77
C THR B 77 19.63 -7.37 9.54
N GLY B 78 18.70 -8.30 9.78
CA GLY B 78 17.88 -8.92 8.75
C GLY B 78 16.74 -8.01 8.32
N ILE B 79 16.40 -8.09 7.05
CA ILE B 79 15.29 -7.39 6.46
C ILE B 79 14.19 -8.42 6.20
N GLN B 80 13.07 -8.25 6.89
CA GLN B 80 11.96 -9.16 6.75
C GLN B 80 11.01 -8.67 5.64
N LEU B 81 10.81 -9.52 4.65
CA LEU B 81 9.91 -9.18 3.57
C LEU B 81 8.65 -9.99 3.77
N SER B 82 7.53 -9.30 3.79
CA SER B 82 6.25 -9.98 3.77
C SER B 82 5.94 -10.51 2.36
N ALA B 83 4.82 -11.20 2.27
CA ALA B 83 4.41 -11.86 1.04
C ALA B 83 4.28 -10.86 -0.10
N GLY B 84 4.95 -11.19 -1.19
CA GLY B 84 4.85 -10.42 -2.44
C GLY B 84 5.72 -9.17 -2.46
N GLN B 85 6.47 -8.91 -1.39
CA GLN B 85 7.31 -7.73 -1.38
C GLN B 85 8.56 -7.92 -2.23
N ILE B 86 9.07 -6.79 -2.69
CA ILE B 86 10.24 -6.73 -3.53
C ILE B 86 11.22 -5.82 -2.85
N LEU B 87 12.46 -6.28 -2.79
CA LEU B 87 13.55 -5.48 -2.26
C LEU B 87 14.37 -5.04 -3.46
N LYS B 88 14.48 -3.72 -3.60
CA LYS B 88 15.24 -3.14 -4.69
C LYS B 88 16.62 -2.78 -4.17
N PHE B 89 17.65 -3.03 -5.00
CA PHE B 89 19.06 -2.63 -4.73
C PHE B 89 19.63 -1.67 -5.78
N TYR B 90 20.30 -0.61 -5.32
CA TYR B 90 21.15 0.19 -6.20
C TYR B 90 22.57 0.36 -5.68
N ASN B 91 23.52 -0.21 -6.42
CA ASN B 91 24.96 -0.09 -6.10
C ASN B 91 25.28 -0.44 -4.63
N VAL B 92 24.70 -1.54 -4.16
CA VAL B 92 24.86 -1.96 -2.76
C VAL B 92 26.07 -2.87 -2.64
N PRO B 93 27.08 -2.46 -1.84
CA PRO B 93 28.24 -3.29 -1.63
C PRO B 93 27.81 -4.43 -0.72
N ILE B 94 27.80 -5.62 -1.30
CA ILE B 94 27.39 -6.83 -0.62
C ILE B 94 28.37 -7.90 -1.02
N ALA B 95 28.79 -8.68 -0.04
CA ALA B 95 29.60 -9.85 -0.31
C ALA B 95 28.77 -11.15 -0.34
N GLU B 96 27.63 -11.17 0.33
CA GLU B 96 26.73 -12.35 0.34
C GLU B 96 25.32 -11.94 0.73
N ILE B 97 24.33 -12.54 0.07
CA ILE B 97 22.93 -12.40 0.45
C ILE B 97 22.49 -13.74 1.00
N ILE B 98 21.91 -13.70 2.20
CA ILE B 98 21.35 -14.88 2.82
C ILE B 98 19.85 -14.68 2.96
N VAL B 99 19.08 -15.65 2.45
CA VAL B 99 17.62 -15.59 2.57
C VAL B 99 17.16 -16.73 3.47
N GLU B 100 16.40 -16.40 4.51
CA GLU B 100 15.85 -17.37 5.45
C GLU B 100 14.31 -17.38 5.50
N TYR B 101 13.75 -18.58 5.53
CA TYR B 101 12.34 -18.77 5.87
C TYR B 101 12.08 -18.30 7.31
N ASP B 102 11.19 -17.34 7.49
CA ASP B 102 10.92 -16.84 8.84
C ASP B 102 10.23 -17.91 9.70
N PRO B 103 10.72 -18.13 10.94
CA PRO B 103 10.14 -19.19 11.76
C PRO B 103 8.70 -18.92 12.18
N SER B 104 8.29 -17.65 12.15
CA SER B 104 6.90 -17.26 12.43
C SER B 104 5.88 -17.66 11.35
N ASN B 105 6.32 -18.17 10.21
CA ASN B 105 5.39 -18.51 9.12
C ASN B 105 4.35 -19.56 9.49
N VAL B 106 3.11 -19.32 9.07
CA VAL B 106 2.07 -20.34 9.13
C VAL B 106 2.61 -21.54 8.35
N SER B 107 2.42 -22.75 8.84
CA SER B 107 3.02 -23.90 8.17
C SER B 107 2.42 -24.10 6.77
N GLY B 108 3.22 -24.65 5.88
CA GLY B 108 2.79 -24.93 4.50
C GLY B 108 2.98 -23.80 3.49
N VAL B 109 3.28 -22.58 3.94
CA VAL B 109 3.47 -21.50 2.95
C VAL B 109 4.85 -21.60 2.33
N SER B 110 4.95 -21.21 1.07
CA SER B 110 6.21 -21.10 0.36
C SER B 110 6.25 -19.88 -0.55
N SER B 111 7.47 -19.57 -1.01
CA SER B 111 7.67 -18.57 -2.02
C SER B 111 8.70 -19.03 -3.00
N ASN B 112 8.64 -18.41 -4.17
CA ASN B 112 9.68 -18.50 -5.16
C ASN B 112 10.44 -17.17 -5.07
N VAL B 113 11.63 -17.22 -4.50
CA VAL B 113 12.42 -16.02 -4.28
C VAL B 113 13.30 -15.77 -5.52
N LYS B 114 13.07 -14.63 -6.17
CA LYS B 114 13.77 -14.32 -7.41
C LYS B 114 14.82 -13.23 -7.17
N LEU B 115 16.03 -13.49 -7.65
CA LEU B 115 17.15 -12.59 -7.55
C LEU B 115 17.60 -12.24 -8.96
N LYS B 116 17.39 -10.99 -9.35
CA LYS B 116 17.75 -10.51 -10.68
C LYS B 116 18.54 -9.21 -10.61
N GLY B 117 19.59 -9.12 -11.40
CA GLY B 117 20.37 -7.88 -11.51
C GLY B 117 21.78 -8.08 -12.02
N THR B 118 22.66 -7.15 -11.63
CA THR B 118 24.03 -7.12 -12.12
C THR B 118 24.97 -7.04 -10.93
N ILE B 119 26.08 -7.75 -11.00
CA ILE B 119 27.17 -7.61 -10.04
C ILE B 119 28.29 -6.86 -10.74
N HIS B 120 28.74 -5.75 -10.15
CA HIS B 120 29.72 -4.90 -10.79
C HIS B 120 30.60 -4.32 -9.70
N PRO B 121 31.66 -3.58 -10.06
CA PRO B 121 32.41 -2.90 -8.99
C PRO B 121 31.56 -1.85 -8.30
N LEU B 122 31.95 -1.46 -7.09
CA LEU B 122 31.28 -0.38 -6.39
C LEU B 122 31.49 0.93 -7.16
N PHE B 123 30.41 1.54 -7.62
CA PHE B 123 30.49 2.81 -8.34
C PHE B 123 30.50 3.98 -7.36
N GLU B 124 31.09 5.10 -7.78
CA GLU B 124 31.15 6.29 -6.91
C GLU B 124 29.86 7.11 -6.98
N VAL B 125 28.74 6.41 -6.84
CA VAL B 125 27.44 7.04 -6.71
C VAL B 125 26.82 6.44 -5.44
N PRO B 126 25.67 7.00 -4.98
CA PRO B 126 24.91 6.47 -3.84
C PRO B 126 24.63 4.97 -3.84
N SER B 127 24.77 4.34 -2.68
CA SER B 127 24.23 2.97 -2.47
C SER B 127 22.86 3.07 -1.81
N GLN B 128 21.85 2.37 -2.33
CA GLN B 128 20.51 2.49 -1.78
C GLN B 128 19.72 1.20 -1.88
N ILE B 129 18.78 1.02 -0.97
CA ILE B 129 17.73 0.00 -1.08
C ILE B 129 16.36 0.63 -0.88
N SER B 130 15.34 -0.08 -1.34
CA SER B 130 13.96 0.31 -1.16
C SER B 130 13.10 -0.95 -1.19
N ILE B 131 11.90 -0.88 -0.65
CA ILE B 131 11.00 -2.03 -0.61
C ILE B 131 9.65 -1.55 -1.10
N GLU B 132 9.00 -2.33 -1.95
CA GLU B 132 7.62 -2.04 -2.35
C GLU B 132 6.82 -3.34 -2.42
N ASN B 133 5.50 -3.23 -2.46
CA ASN B 133 4.65 -4.43 -2.59
C ASN B 133 4.45 -4.72 -4.09
N PHE B 134 4.68 -5.96 -4.50
CA PHE B 134 4.58 -6.30 -5.91
C PHE B 134 3.12 -6.41 -6.23
N GLN B 135 2.67 -5.65 -7.23
CA GLN B 135 1.28 -5.66 -7.60
C GLN B 135 1.20 -5.87 -9.11
N PRO B 136 1.17 -7.14 -9.55
CA PRO B 136 1.12 -7.36 -10.98
C PRO B 136 -0.25 -6.96 -11.52
N THR B 137 -0.25 -6.27 -12.64
CA THR B 137 -1.48 -5.85 -13.27
C THR B 137 -1.64 -6.58 -14.59
N GLU B 138 -2.90 -6.76 -15.01
CA GLU B 138 -3.19 -7.16 -16.37
C GLU B 138 -4.18 -6.15 -16.95
N ASN B 139 -4.16 -6.04 -18.27
CA ASN B 139 -5.06 -5.15 -18.98
C ASN B 139 -6.22 -5.92 -19.60
N TYR B 140 -7.42 -5.35 -19.46
CA TYR B 140 -8.67 -5.94 -19.94
C TYR B 140 -9.16 -4.97 -21.01
N LEU B 141 -9.14 -5.38 -22.28
CA LEU B 141 -9.55 -4.50 -23.37
C LEU B 141 -11.05 -4.22 -23.27
N ILE B 142 -11.44 -2.96 -23.45
CA ILE B 142 -12.87 -2.59 -23.44
C ILE B 142 -13.31 -2.12 -24.84
N TYR B 143 -12.51 -1.24 -25.44
CA TYR B 143 -12.82 -0.67 -26.75
C TYR B 143 -11.58 -0.24 -27.49
N SER B 144 -11.59 -0.55 -28.78
CA SER B 144 -10.63 -0.07 -29.77
C SER B 144 -11.47 0.56 -30.87
N GLY B 145 -11.06 1.73 -31.34
CA GLY B 145 -11.71 2.41 -32.46
C GLY B 145 -10.96 3.65 -32.88
N PHE B 146 -11.48 4.31 -33.92
CA PHE B 146 -10.96 5.60 -34.37
C PHE B 146 -12.21 6.43 -34.71
N GLY B 147 -12.43 7.52 -33.97
CA GLY B 147 -13.62 8.35 -34.14
C GLY B 147 -13.83 9.36 -33.03
N THR B 148 -15.09 9.71 -32.76
CA THR B 148 -15.42 10.77 -31.80
C THR B 148 -16.42 10.37 -30.68
N SER B 149 -16.84 9.11 -30.66
CA SER B 149 -17.77 8.64 -29.63
C SER B 149 -17.74 7.11 -29.56
N LEU B 150 -18.56 6.54 -28.69
CA LEU B 150 -18.57 5.10 -28.52
C LEU B 150 -19.86 4.49 -29.07
N PRO B 151 -19.79 3.25 -29.59
CA PRO B 151 -20.97 2.62 -30.20
C PRO B 151 -21.98 1.98 -29.22
N GLN B 152 -21.60 1.74 -27.97
CA GLN B 152 -22.54 1.23 -26.97
C GLN B 152 -22.04 1.51 -25.57
N THR B 153 -22.80 1.08 -24.57
CA THR B 153 -22.34 1.23 -23.18
C THR B 153 -21.50 0.01 -22.78
N TYR B 154 -20.58 0.19 -21.84
CA TYR B 154 -19.74 -0.92 -21.36
C TYR B 154 -19.76 -0.95 -19.85
N THR B 155 -19.60 -2.14 -19.30
CA THR B 155 -19.59 -2.36 -17.86
C THR B 155 -18.19 -2.70 -17.43
N ILE B 156 -17.62 -1.91 -16.53
CA ILE B 156 -16.25 -2.15 -16.03
C ILE B 156 -16.26 -3.39 -15.11
N PRO B 157 -15.45 -4.41 -15.44
CA PRO B 157 -15.61 -5.71 -14.76
C PRO B 157 -15.12 -5.76 -13.31
N ALA B 158 -14.18 -4.91 -12.96
CA ALA B 158 -13.46 -5.05 -11.69
C ALA B 158 -13.04 -3.72 -11.11
N ASN B 159 -12.70 -3.73 -9.83
CA ASN B 159 -12.03 -2.59 -9.21
C ASN B 159 -10.71 -2.41 -9.93
N GLY B 160 -10.37 -1.16 -10.23
CA GLY B 160 -9.07 -0.85 -10.79
C GLY B 160 -9.02 0.53 -11.39
N TYR B 161 -8.29 0.62 -12.51
CA TYR B 161 -8.04 1.88 -13.19
C TYR B 161 -8.54 1.82 -14.61
N LEU B 162 -9.47 2.72 -14.95
CA LEU B 162 -9.91 2.87 -16.33
C LEU B 162 -8.95 3.77 -17.10
N ILE B 163 -8.39 3.24 -18.19
CA ILE B 163 -7.44 3.95 -19.01
C ILE B 163 -8.07 4.30 -20.36
N ILE B 164 -8.17 5.59 -20.64
CA ILE B 164 -8.66 6.09 -21.92
C ILE B 164 -7.53 6.79 -22.66
N SER B 165 -7.03 6.12 -23.70
CA SER B 165 -5.98 6.70 -24.53
C SER B 165 -6.63 7.30 -25.78
N ILE B 166 -6.41 8.61 -25.94
CA ILE B 166 -6.89 9.38 -27.08
C ILE B 166 -5.66 9.92 -27.82
N THR B 167 -5.57 9.67 -29.12
CA THR B 167 -4.41 10.17 -29.85
C THR B 167 -4.90 11.21 -30.81
N ASN B 168 -4.42 12.43 -30.68
CA ASN B 168 -4.85 13.48 -31.58
C ASN B 168 -3.71 14.37 -31.97
N THR B 169 -3.87 15.03 -33.11
CA THR B 169 -2.91 16.00 -33.61
C THR B 169 -2.67 17.09 -32.55
N SER B 170 -3.74 17.58 -31.93
CA SER B 170 -3.62 18.65 -30.93
C SER B 170 -3.26 18.10 -29.54
N THR B 171 -2.91 19.02 -28.63
CA THR B 171 -2.65 18.68 -27.22
C THR B 171 -3.61 19.44 -26.31
N GLY B 172 -3.86 18.90 -25.12
CA GLY B 172 -4.77 19.49 -24.15
C GLY B 172 -6.12 18.81 -24.19
N ASN B 173 -7.19 19.61 -24.00
CA ASN B 173 -8.57 19.11 -23.90
C ASN B 173 -9.10 18.56 -25.22
N ILE B 174 -9.61 17.34 -25.18
CA ILE B 174 -10.10 16.64 -26.37
C ILE B 174 -11.53 16.07 -26.27
N GLY B 175 -12.16 16.14 -25.10
CA GLY B 175 -13.53 15.65 -24.97
C GLY B 175 -13.96 15.29 -23.55
N GLN B 176 -14.95 14.41 -23.47
CA GLN B 176 -15.61 14.13 -22.20
C GLN B 176 -16.00 12.65 -22.16
N ILE B 177 -15.83 12.00 -21.00
CA ILE B 177 -16.37 10.63 -20.79
C ILE B 177 -17.37 10.67 -19.64
N THR B 178 -18.44 9.88 -19.76
CA THR B 178 -19.45 9.80 -18.71
C THR B 178 -19.51 8.40 -18.13
N LEU B 179 -19.37 8.34 -16.81
CA LEU B 179 -19.43 7.11 -16.02
C LEU B 179 -20.58 7.18 -15.02
N THR B 180 -21.22 6.03 -14.83
CA THR B 180 -22.31 5.89 -13.89
C THR B 180 -21.93 4.75 -12.94
N ILE B 181 -22.17 4.96 -11.65
CA ILE B 181 -21.97 3.93 -10.65
C ILE B 181 -22.99 4.20 -9.55
N GLY B 182 -23.88 3.23 -9.36
CA GLY B 182 -25.02 3.37 -8.47
C GLY B 182 -25.91 4.52 -8.90
N SER B 183 -26.14 5.43 -7.96
CA SER B 183 -27.02 6.57 -8.18
C SER B 183 -26.19 7.84 -8.48
N THR B 184 -24.94 7.66 -8.88
CA THR B 184 -24.03 8.77 -9.19
C THR B 184 -23.57 8.73 -10.65
N THR B 185 -23.59 9.89 -11.31
CA THR B 185 -23.12 10.02 -12.67
C THR B 185 -22.02 11.05 -12.70
N MET B 186 -20.93 10.72 -13.36
CA MET B 186 -19.78 11.59 -13.38
C MET B 186 -19.35 11.82 -14.81
N THR B 187 -19.09 13.08 -15.12
CA THR B 187 -18.61 13.49 -16.43
C THR B 187 -17.26 14.18 -16.27
N PHE B 188 -16.28 13.56 -16.93
CA PHE B 188 -14.86 13.86 -16.78
C PHE B 188 -14.32 14.50 -18.05
N ASN B 189 -13.41 15.45 -17.89
CA ASN B 189 -12.63 15.97 -19.01
C ASN B 189 -11.60 14.94 -19.45
N LEU B 190 -11.53 14.72 -20.77
CA LEU B 190 -10.46 13.95 -21.39
C LEU B 190 -9.43 14.85 -22.04
N GLN B 191 -8.17 14.44 -21.91
CA GLN B 191 -7.02 15.11 -22.50
C GLN B 191 -6.41 14.20 -23.55
N THR B 192 -5.72 14.77 -24.54
CA THR B 192 -5.01 13.93 -25.49
C THR B 192 -3.94 13.16 -24.70
N GLY B 193 -3.70 11.91 -25.11
CA GLY B 193 -2.80 11.00 -24.39
C GLY B 193 -3.52 10.07 -23.44
N GLU B 194 -2.84 9.66 -22.36
CA GLU B 194 -3.41 8.73 -21.38
C GLU B 194 -4.27 9.45 -20.34
N ASN B 195 -5.48 8.95 -20.12
CA ASN B 195 -6.33 9.41 -19.02
C ASN B 195 -6.62 8.21 -18.14
N LYS B 196 -6.31 8.35 -16.86
CA LYS B 196 -6.38 7.24 -15.92
C LYS B 196 -7.36 7.63 -14.83
N ILE B 197 -8.43 6.87 -14.69
CA ILE B 197 -9.43 7.14 -13.67
C ILE B 197 -9.67 5.90 -12.80
N PRO B 198 -9.59 6.05 -11.47
CA PRO B 198 -9.92 4.89 -10.66
C PRO B 198 -11.42 4.61 -10.73
N VAL B 199 -11.78 3.34 -10.81
CA VAL B 199 -13.17 2.92 -10.95
C VAL B 199 -13.45 1.70 -10.11
N ILE B 200 -14.70 1.58 -9.65
CA ILE B 200 -15.11 0.38 -8.92
C ILE B 200 -15.86 -0.55 -9.87
N ALA B 201 -15.74 -1.85 -9.61
CA ALA B 201 -16.42 -2.85 -10.42
C ALA B 201 -17.91 -2.52 -10.58
N GLY B 202 -18.42 -2.68 -11.78
CA GLY B 202 -19.82 -2.42 -12.08
C GLY B 202 -20.10 -1.04 -12.60
N THR B 203 -19.12 -0.13 -12.51
CA THR B 203 -19.21 1.16 -13.17
C THR B 203 -19.48 0.99 -14.67
N GLN B 204 -20.43 1.78 -15.18
CA GLN B 204 -20.80 1.82 -16.59
C GLN B 204 -20.15 3.01 -17.30
N ILE B 205 -19.61 2.77 -18.49
CA ILE B 205 -19.20 3.83 -19.41
C ILE B 205 -20.43 4.09 -20.26
N THR B 206 -21.03 5.27 -20.10
CA THR B 206 -22.34 5.55 -20.68
C THR B 206 -22.23 6.42 -21.92
N ASN B 207 -21.16 7.20 -22.03
CA ASN B 207 -20.71 7.69 -23.32
C ASN B 207 -19.41 8.46 -23.26
N MET B 208 -18.99 8.86 -24.45
CA MET B 208 -17.78 9.66 -24.63
C MET B 208 -17.98 10.50 -25.88
N THR B 209 -17.61 11.76 -25.79
CA THR B 209 -17.71 12.66 -26.91
C THR B 209 -16.36 13.34 -27.08
N LEU B 210 -15.77 13.23 -28.26
CA LEU B 210 -14.54 13.95 -28.59
C LEU B 210 -14.79 15.06 -29.61
N THR B 211 -13.95 16.09 -29.51
CA THR B 211 -14.06 17.29 -30.35
C THR B 211 -13.51 17.08 -31.77
N SER B 212 -12.68 16.05 -31.97
CA SER B 212 -12.32 15.59 -33.32
C SER B 212 -11.86 14.12 -33.33
N SER B 213 -11.99 13.50 -34.51
CA SER B 213 -11.68 12.08 -34.68
C SER B 213 -10.25 11.73 -34.23
N SER B 214 -10.13 10.72 -33.37
CA SER B 214 -8.85 10.33 -32.75
C SER B 214 -8.76 8.83 -32.65
N ALA B 215 -7.55 8.30 -32.53
CA ALA B 215 -7.41 6.91 -32.12
C ALA B 215 -7.74 6.79 -30.63
N ILE B 216 -8.66 5.88 -30.36
CA ILE B 216 -9.26 5.63 -29.07
C ILE B 216 -8.89 4.20 -28.64
N LEU B 217 -8.31 4.07 -27.46
CA LEU B 217 -8.11 2.77 -26.82
C LEU B 217 -8.48 2.90 -25.35
N ILE B 218 -9.46 2.10 -24.95
CA ILE B 218 -10.00 2.10 -23.61
C ILE B 218 -9.81 0.70 -23.07
N TYR B 219 -9.13 0.58 -21.93
CA TYR B 219 -8.99 -0.71 -21.27
C TYR B 219 -8.97 -0.46 -19.76
N GLU B 220 -9.04 -1.53 -18.96
CA GLU B 220 -8.88 -1.39 -17.50
C GLU B 220 -7.61 -2.11 -17.02
N GLU B 221 -6.82 -1.41 -16.19
CA GLU B 221 -5.70 -2.05 -15.47
C GLU B 221 -6.24 -2.66 -14.20
N VAL B 222 -6.12 -3.97 -14.05
CA VAL B 222 -6.58 -4.65 -12.85
C VAL B 222 -5.42 -5.38 -12.18
N ILE B 223 -5.41 -5.34 -10.84
CA ILE B 223 -4.37 -5.96 -10.02
C ILE B 223 -4.84 -7.33 -9.58
#